data_6GR8
#
_entry.id   6GR8
#
_cell.length_a   56.650
_cell.length_b   72.480
_cell.length_c   83.060
_cell.angle_alpha   90.00
_cell.angle_beta   90.00
_cell.angle_gamma   90.00
#
_symmetry.space_group_name_H-M   'P 21 21 21'
#
loop_
_entity.id
_entity.type
_entity.pdbx_description
1 polymer 'Aurora kinase C'
2 polymer 'Inner centromere protein'
3 non-polymer 1-[(2~{R},3~{S})-2-[[1,3-benzodioxol-5-ylmethyl(methyl)amino]methyl]-3-methyl-6-oxidanylidene-5-[(2~{S})-1-oxidanylpropan-2-yl]-3,4-dihydro-2~{H}-1,5-benzoxazocin-8-yl]-3-(4-methoxyphenyl)urea
4 water water
#
loop_
_entity_poly.entity_id
_entity_poly.type
_entity_poly.pdbx_seq_one_letter_code
_entity_poly.pdbx_strand_id
1 'polypeptide(L)'
;GANSRRL(TPO)VDDFEIGRPLGKGKFGNVYLARLKESHFIVALKVLFKSQIEKEGLEHQLRREIEIQAHLQHPNILRLY
NYFHDARRVYLILEYAPRGELYKELQKSDKLDEQRTATIIEELADALTYCHDKKVIHRDIKPENLLLGFRGEVKIADFGW
SVHTPSLRRK(TPO)MCGTLDYLPPEMIEGRTYDEKVDLWCIGVLCYELLVGYPPFESASHSETYRRILKVDVRFPLSMP
LGARDLISRLLRYQPLERLPLAQILKHPWVQAHSRRVLPPCA
;
A
2 'polypeptide(L)' MEAHPRKPIPTWARGTPLSQAIIHQYYHPPNLLELFGTILPLDLEDIFKKSKPRYHKRT(SEP)(SEP)AVWNSPPLQ B
#
# COMPACT_ATOMS: atom_id res chain seq x y z
N GLY A 1 -6.13 -4.20 -28.76
CA GLY A 1 -7.22 -5.17 -28.93
C GLY A 1 -8.54 -4.57 -28.45
N ALA A 2 -9.54 -5.45 -28.35
CA ALA A 2 -10.91 -5.10 -27.96
C ALA A 2 -10.98 -4.43 -26.58
N ASN A 3 -9.98 -4.67 -25.70
CA ASN A 3 -10.01 -4.12 -24.35
C ASN A 3 -8.94 -3.04 -24.18
N SER A 4 -8.43 -2.51 -25.30
CA SER A 4 -7.59 -1.31 -25.27
C SER A 4 -8.49 -0.08 -25.29
N ARG A 5 -8.58 0.63 -24.16
CA ARG A 5 -9.59 1.64 -23.97
C ARG A 5 -8.94 3.02 -23.89
N ARG A 6 -9.73 4.03 -24.29
CA ARG A 6 -9.35 5.39 -24.22
C ARG A 6 -9.88 5.99 -22.91
N LEU A 7 -8.97 6.51 -22.10
CA LEU A 7 -9.30 7.13 -20.83
C LEU A 7 -8.70 8.52 -20.79
N VAL A 9 -9.45 12.80 -18.89
CA VAL A 9 -10.07 13.55 -17.80
C VAL A 9 -11.57 13.73 -18.06
N ASP A 10 -11.99 13.82 -19.33
CA ASP A 10 -13.39 14.07 -19.67
C ASP A 10 -14.28 12.85 -19.35
N ASP A 11 -13.69 11.69 -19.06
CA ASP A 11 -14.48 10.52 -18.64
C ASP A 11 -14.92 10.63 -17.17
N PHE A 12 -14.36 11.59 -16.43
CA PHE A 12 -14.55 11.68 -14.99
C PHE A 12 -15.22 13.01 -14.63
N GLU A 13 -16.02 12.96 -13.55
CA GLU A 13 -16.48 14.12 -12.80
C GLU A 13 -15.78 14.14 -11.44
N ILE A 14 -15.22 15.30 -11.06
CA ILE A 14 -14.52 15.41 -9.77
C ILE A 14 -15.54 15.69 -8.66
N GLY A 15 -15.41 14.96 -7.56
CA GLY A 15 -16.25 15.13 -6.38
C GLY A 15 -15.64 16.11 -5.40
N ARG A 16 -14.47 15.78 -4.86
CA ARG A 16 -13.83 16.61 -3.84
C ARG A 16 -12.38 16.18 -3.67
N PRO A 17 -11.50 17.05 -3.12
CA PRO A 17 -10.15 16.62 -2.75
C PRO A 17 -10.18 15.62 -1.59
N LEU A 18 -9.25 14.65 -1.64
CA LEU A 18 -9.06 13.66 -0.57
C LEU A 18 -7.76 13.90 0.20
N GLY A 19 -6.84 14.71 -0.33
CA GLY A 19 -5.61 15.09 0.37
C GLY A 19 -4.40 15.09 -0.56
N LYS A 20 -3.33 15.72 -0.08
CA LYS A 20 -2.03 15.72 -0.74
C LYS A 20 -1.36 14.36 -0.50
N GLY A 21 -0.80 13.78 -1.55
CA GLY A 21 0.06 12.62 -1.46
C GLY A 21 1.37 12.92 -2.17
N LYS A 22 2.24 11.91 -2.30
CA LYS A 22 3.51 12.09 -2.98
C LYS A 22 3.23 12.43 -4.45
N PHE A 23 3.91 13.49 -4.90
CA PHE A 23 3.89 14.02 -6.29
C PHE A 23 2.52 14.59 -6.72
N GLY A 24 1.54 14.75 -5.82
CA GLY A 24 0.26 15.38 -6.22
C GLY A 24 -0.90 15.05 -5.30
N ASN A 25 -2.10 15.51 -5.70
CA ASN A 25 -3.30 15.44 -4.89
C ASN A 25 -4.17 14.26 -5.36
N VAL A 26 -5.00 13.79 -4.43
CA VAL A 26 -5.94 12.73 -4.66
C VAL A 26 -7.35 13.33 -4.59
N TYR A 27 -8.22 12.91 -5.50
CA TYR A 27 -9.60 13.41 -5.53
C TYR A 27 -10.57 12.24 -5.57
N LEU A 28 -11.72 12.43 -4.90
CA LEU A 28 -12.87 11.58 -5.11
C LEU A 28 -13.44 11.97 -6.47
N ALA A 29 -13.77 10.96 -7.29
CA ALA A 29 -14.31 11.19 -8.62
C ALA A 29 -15.25 10.04 -8.98
N ARG A 30 -15.97 10.21 -10.08
CA ARG A 30 -16.74 9.11 -10.63
C ARG A 30 -16.74 9.22 -12.15
N LEU A 31 -16.90 8.05 -12.78
CA LEU A 31 -17.00 7.96 -14.21
C LEU A 31 -18.33 8.60 -14.60
N LYS A 32 -18.28 9.54 -15.55
CA LYS A 32 -19.48 10.33 -15.96
C LYS A 32 -20.65 9.42 -16.37
N GLU A 33 -20.35 8.34 -17.09
CA GLU A 33 -21.39 7.51 -17.72
C GLU A 33 -21.87 6.42 -16.76
N SER A 34 -20.94 5.60 -16.24
CA SER A 34 -21.30 4.46 -15.37
C SER A 34 -21.58 4.93 -13.93
N HIS A 35 -21.03 6.09 -13.55
CA HIS A 35 -21.07 6.64 -12.17
C HIS A 35 -20.29 5.75 -11.17
N PHE A 36 -19.36 4.93 -11.69
CA PHE A 36 -18.47 4.16 -10.85
C PHE A 36 -17.52 5.13 -10.13
N ILE A 37 -17.46 4.98 -8.81
CA ILE A 37 -16.73 5.90 -7.96
C ILE A 37 -15.30 5.40 -7.81
N VAL A 38 -14.35 6.34 -7.94
CA VAL A 38 -12.93 6.10 -7.85
C VAL A 38 -12.28 7.23 -7.05
N ALA A 39 -11.01 7.02 -6.72
CA ALA A 39 -10.05 8.06 -6.35
C ALA A 39 -9.15 8.30 -7.56
N LEU A 40 -9.08 9.55 -7.99
CA LEU A 40 -8.19 9.93 -9.07
C LEU A 40 -6.98 10.63 -8.44
N LYS A 41 -5.80 10.01 -8.57
CA LYS A 41 -4.59 10.66 -8.10
C LYS A 41 -3.87 11.29 -9.28
N VAL A 42 -3.59 12.57 -9.11
CA VAL A 42 -3.00 13.41 -10.13
C VAL A 42 -1.51 13.60 -9.80
N LEU A 43 -0.65 12.98 -10.60
CA LEU A 43 0.80 13.03 -10.42
C LEU A 43 1.40 14.05 -11.39
N PHE A 44 2.24 14.95 -10.86
CA PHE A 44 2.92 15.92 -11.71
C PHE A 44 4.21 15.30 -12.22
N LYS A 45 4.32 15.18 -13.55
CA LYS A 45 5.42 14.52 -14.22
C LYS A 45 6.75 15.18 -13.84
N SER A 46 6.76 16.52 -13.84
CA SER A 46 8.00 17.27 -13.60
C SER A 46 8.59 16.90 -12.23
N GLN A 47 7.74 16.75 -11.22
CA GLN A 47 8.16 16.36 -9.86
C GLN A 47 8.80 14.97 -9.86
N ILE A 48 8.19 14.03 -10.56
CA ILE A 48 8.72 12.66 -10.65
C ILE A 48 10.05 12.67 -11.43
N GLU A 49 10.06 13.38 -12.55
CA GLU A 49 11.22 13.44 -13.44
C GLU A 49 12.41 14.05 -12.69
N LYS A 50 12.16 15.13 -11.95
CA LYS A 50 13.22 15.84 -11.24
C LYS A 50 13.91 14.88 -10.27
N GLU A 51 13.08 14.14 -9.53
CA GLU A 51 13.56 13.24 -8.50
C GLU A 51 14.13 11.95 -9.12
N GLY A 52 13.91 11.73 -10.40
CA GLY A 52 14.47 10.56 -11.12
C GLY A 52 13.81 9.25 -10.72
N LEU A 53 12.51 9.27 -10.39
CA LEU A 53 11.83 8.07 -9.86
C LEU A 53 10.83 7.50 -10.89
N GLU A 54 11.10 7.74 -12.19
CA GLU A 54 10.25 7.24 -13.28
C GLU A 54 10.12 5.73 -13.17
N HIS A 55 11.20 5.04 -12.79
CA HIS A 55 11.23 3.59 -12.74
C HIS A 55 10.30 3.03 -11.64
N GLN A 56 10.08 3.80 -10.57
CA GLN A 56 9.15 3.44 -9.48
C GLN A 56 7.70 3.48 -9.98
N LEU A 57 7.37 4.49 -10.80
CA LEU A 57 6.02 4.58 -11.37
C LEU A 57 5.75 3.35 -12.25
N ARG A 58 6.77 2.94 -13.02
CA ARG A 58 6.68 1.78 -13.86
C ARG A 58 6.46 0.53 -13.01
N ARG A 59 7.20 0.40 -11.91
CA ARG A 59 7.04 -0.73 -11.01
C ARG A 59 5.60 -0.80 -10.47
N GLU A 60 5.05 0.32 -10.00
CA GLU A 60 3.66 0.37 -9.50
C GLU A 60 2.71 -0.25 -10.54
N ILE A 61 2.79 0.30 -11.76
CA ILE A 61 1.83 -0.01 -12.77
C ILE A 61 1.98 -1.48 -13.20
N GLU A 62 3.22 -1.98 -13.31
CA GLU A 62 3.45 -3.36 -13.68
C GLU A 62 2.96 -4.29 -12.57
N ILE A 63 3.18 -3.90 -11.31
CA ILE A 63 2.72 -4.75 -10.20
C ILE A 63 1.20 -4.78 -10.23
N GLN A 64 0.58 -3.60 -10.44
CA GLN A 64 -0.86 -3.47 -10.40
C GLN A 64 -1.50 -4.28 -11.54
N ALA A 65 -0.83 -4.41 -12.68
CA ALA A 65 -1.35 -5.18 -13.78
C ALA A 65 -1.36 -6.69 -13.45
N HIS A 66 -0.55 -7.15 -12.49
CA HIS A 66 -0.39 -8.60 -12.24
C HIS A 66 -0.93 -9.06 -10.88
N LEU A 67 -1.26 -8.14 -9.97
CA LEU A 67 -1.73 -8.44 -8.60
C LEU A 67 -3.08 -7.78 -8.34
N GLN A 68 -3.99 -8.54 -7.71
CA GLN A 68 -5.17 -7.97 -7.11
C GLN A 68 -5.53 -8.77 -5.86
N HIS A 69 -5.95 -8.05 -4.82
CA HIS A 69 -6.19 -8.62 -3.50
C HIS A 69 -7.11 -7.67 -2.78
N PRO A 70 -8.08 -8.17 -1.99
CA PRO A 70 -9.03 -7.29 -1.30
C PRO A 70 -8.36 -6.32 -0.31
N ASN A 71 -7.10 -6.58 0.09
CA ASN A 71 -6.41 -5.68 1.00
C ASN A 71 -5.26 -4.96 0.31
N ILE A 72 -5.25 -4.98 -1.04
CA ILE A 72 -4.34 -4.14 -1.83
C ILE A 72 -5.20 -3.10 -2.57
N LEU A 73 -4.89 -1.82 -2.40
CA LEU A 73 -5.62 -0.77 -3.14
C LEU A 73 -5.41 -1.00 -4.64
N ARG A 74 -6.51 -1.14 -5.38
CA ARG A 74 -6.45 -1.53 -6.78
C ARG A 74 -6.23 -0.31 -7.66
N LEU A 75 -5.29 -0.42 -8.61
CA LEU A 75 -5.19 0.55 -9.67
C LEU A 75 -6.00 0.03 -10.86
N TYR A 76 -7.13 0.65 -11.14
CA TYR A 76 -7.98 0.18 -12.21
C TYR A 76 -7.29 0.42 -13.55
N ASN A 77 -6.71 1.61 -13.70
CA ASN A 77 -5.93 1.95 -14.89
C ASN A 77 -5.24 3.29 -14.64
N TYR A 78 -4.54 3.78 -15.67
CA TYR A 78 -3.88 5.06 -15.61
C TYR A 78 -3.96 5.69 -17.00
N PHE A 79 -3.70 6.98 -17.07
CA PHE A 79 -3.57 7.69 -18.35
C PHE A 79 -2.70 8.91 -18.08
N HIS A 80 -2.40 9.69 -19.13
CA HIS A 80 -1.64 10.89 -18.88
C HIS A 80 -1.98 11.95 -19.93
N ASP A 81 -1.75 13.20 -19.57
CA ASP A 81 -1.78 14.33 -20.48
C ASP A 81 -0.36 14.93 -20.47
N ALA A 82 -0.21 16.15 -20.99
CA ALA A 82 1.10 16.71 -21.22
C ALA A 82 1.89 16.79 -19.90
N ARG A 83 1.24 17.23 -18.81
CA ARG A 83 1.95 17.55 -17.57
C ARG A 83 1.73 16.52 -16.45
N ARG A 84 0.71 15.66 -16.56
CA ARG A 84 0.23 14.87 -15.41
C ARG A 84 0.01 13.40 -15.79
N VAL A 85 0.27 12.51 -14.84
CA VAL A 85 -0.14 11.13 -14.92
C VAL A 85 -1.29 10.97 -13.92
N TYR A 86 -2.35 10.29 -14.35
CA TYR A 86 -3.52 10.09 -13.51
C TYR A 86 -3.59 8.61 -13.13
N LEU A 87 -3.65 8.34 -11.83
CA LEU A 87 -3.92 6.98 -11.38
C LEU A 87 -5.42 6.91 -11.07
N ILE A 88 -6.10 5.95 -11.69
CA ILE A 88 -7.49 5.67 -11.41
C ILE A 88 -7.50 4.55 -10.36
N LEU A 89 -7.82 4.92 -9.12
CA LEU A 89 -7.65 4.03 -8.00
C LEU A 89 -8.99 3.63 -7.39
N GLU A 90 -9.00 2.46 -6.75
CA GLU A 90 -10.04 2.09 -5.82
C GLU A 90 -10.22 3.19 -4.78
N TYR A 91 -11.46 3.59 -4.53
CA TYR A 91 -11.79 4.59 -3.51
C TYR A 91 -11.87 3.86 -2.16
N ALA A 92 -11.23 4.45 -1.14
CA ALA A 92 -11.19 3.91 0.22
C ALA A 92 -12.04 4.80 1.11
N PRO A 93 -13.32 4.45 1.31
CA PRO A 93 -14.30 5.36 1.91
C PRO A 93 -14.00 5.77 3.37
N ARG A 94 -13.29 4.93 4.12
CA ARG A 94 -12.93 5.31 5.50
C ARG A 94 -11.55 6.01 5.57
N GLY A 95 -10.87 6.20 4.45
CA GLY A 95 -9.72 7.09 4.35
C GLY A 95 -8.44 6.56 5.01
N GLU A 96 -7.55 7.48 5.38
CA GLU A 96 -6.19 7.15 5.82
C GLU A 96 -6.23 6.58 7.23
N LEU A 97 -5.61 5.40 7.43
CA LEU A 97 -5.42 4.89 8.77
C LEU A 97 -4.68 5.93 9.62
N TYR A 98 -3.69 6.62 9.04
CA TYR A 98 -2.85 7.56 9.81
C TYR A 98 -3.66 8.78 10.31
N LYS A 99 -4.84 9.04 9.72
CA LYS A 99 -5.75 10.06 10.26
C LYS A 99 -6.49 9.49 11.47
N GLU A 100 -6.83 8.20 11.42
CA GLU A 100 -7.58 7.53 12.50
C GLU A 100 -6.67 7.21 13.69
N LEU A 101 -5.35 7.41 13.50
CA LEU A 101 -4.36 7.28 14.58
C LEU A 101 -4.13 8.63 15.27
N GLN A 102 -4.31 9.73 14.51
CA GLN A 102 -4.32 11.09 15.06
C GLN A 102 -5.48 11.24 16.05
N LYS A 103 -6.55 10.45 15.84
CA LYS A 103 -7.74 10.49 16.68
C LYS A 103 -7.42 9.90 18.06
N SER A 104 -6.91 8.66 18.06
CA SER A 104 -6.87 7.81 19.25
C SER A 104 -5.47 7.72 19.86
N ASP A 105 -4.42 7.95 19.06
CA ASP A 105 -3.02 7.75 19.48
C ASP A 105 -2.57 6.34 19.06
N LYS A 106 -3.25 5.34 19.60
CA LYS A 106 -3.02 3.94 19.29
C LYS A 106 -4.36 3.29 18.94
N LEU A 107 -4.27 2.11 18.31
CA LEU A 107 -5.42 1.29 17.99
C LEU A 107 -5.57 0.22 19.07
N ASP A 108 -6.80 -0.25 19.27
CA ASP A 108 -7.06 -1.37 20.17
C ASP A 108 -6.56 -2.67 19.55
N GLU A 109 -6.64 -3.74 20.33
CA GLU A 109 -6.11 -5.01 19.93
C GLU A 109 -6.90 -5.57 18.75
N GLN A 110 -8.23 -5.35 18.72
CA GLN A 110 -9.10 -5.92 17.69
CA GLN A 110 -9.08 -5.95 17.68
C GLN A 110 -8.72 -5.33 16.33
N ARG A 111 -8.63 -4.00 16.30
CA ARG A 111 -8.33 -3.26 15.09
C ARG A 111 -6.94 -3.65 14.59
N THR A 112 -5.97 -3.76 15.51
CA THR A 112 -4.59 -4.03 15.12
C THR A 112 -4.47 -5.44 14.55
N ALA A 113 -5.01 -6.42 15.31
CA ALA A 113 -4.96 -7.82 14.95
C ALA A 113 -5.65 -8.05 13.59
N THR A 114 -6.73 -7.31 13.34
CA THR A 114 -7.43 -7.36 12.07
C THR A 114 -6.51 -6.93 10.92
N ILE A 115 -5.83 -5.79 11.10
CA ILE A 115 -4.94 -5.25 10.10
C ILE A 115 -3.76 -6.21 9.89
N ILE A 116 -3.27 -6.79 10.98
CA ILE A 116 -2.14 -7.69 10.89
C ILE A 116 -2.56 -8.91 10.07
N GLU A 117 -3.74 -9.49 10.34
CA GLU A 117 -4.20 -10.65 9.58
C GLU A 117 -4.30 -10.27 8.09
N GLU A 118 -4.95 -9.15 7.80
CA GLU A 118 -5.16 -8.69 6.42
C GLU A 118 -3.82 -8.52 5.70
N LEU A 119 -2.85 -7.87 6.37
CA LEU A 119 -1.57 -7.64 5.75
C LEU A 119 -0.79 -8.94 5.54
N ALA A 120 -0.89 -9.90 6.46
CA ALA A 120 -0.15 -11.15 6.29
C ALA A 120 -0.74 -11.93 5.10
N ASP A 121 -2.06 -11.83 4.93
CA ASP A 121 -2.78 -12.41 3.81
C ASP A 121 -2.33 -11.72 2.52
N ALA A 122 -2.41 -10.38 2.50
CA ALA A 122 -2.00 -9.59 1.32
C ALA A 122 -0.54 -9.89 0.92
N LEU A 123 0.36 -9.91 1.91
CA LEU A 123 1.79 -10.12 1.64
C LEU A 123 2.09 -11.58 1.22
N THR A 124 1.33 -12.55 1.72
CA THR A 124 1.44 -13.93 1.24
C THR A 124 1.21 -13.92 -0.28
N TYR A 125 0.16 -13.20 -0.70
CA TYR A 125 -0.23 -13.13 -2.10
C TYR A 125 0.88 -12.42 -2.87
N CYS A 126 1.42 -11.32 -2.32
CA CYS A 126 2.52 -10.54 -2.96
C CYS A 126 3.76 -11.42 -3.13
N HIS A 127 4.14 -12.11 -2.05
CA HIS A 127 5.35 -12.91 -2.06
C HIS A 127 5.20 -14.08 -3.05
N ASP A 128 4.01 -14.65 -3.15
CA ASP A 128 3.77 -15.76 -4.07
CA ASP A 128 3.75 -15.75 -4.08
C ASP A 128 3.95 -15.25 -5.52
N LYS A 129 3.61 -13.97 -5.77
CA LYS A 129 3.76 -13.31 -7.07
C LYS A 129 5.13 -12.66 -7.25
N LYS A 130 6.06 -12.93 -6.31
CA LYS A 130 7.44 -12.46 -6.33
C LYS A 130 7.52 -10.94 -6.23
N VAL A 131 6.69 -10.36 -5.38
CA VAL A 131 6.73 -8.94 -5.14
C VAL A 131 7.06 -8.75 -3.65
N ILE A 132 8.12 -7.99 -3.38
CA ILE A 132 8.45 -7.53 -2.03
C ILE A 132 7.92 -6.11 -1.91
N HIS A 133 7.15 -5.84 -0.85
CA HIS A 133 6.51 -4.54 -0.72
C HIS A 133 7.50 -3.45 -0.27
N ARG A 134 8.19 -3.68 0.86
CA ARG A 134 9.34 -2.86 1.35
C ARG A 134 8.92 -1.51 1.95
N ASP A 135 7.61 -1.24 2.09
CA ASP A 135 7.20 0.05 2.62
C ASP A 135 5.89 -0.09 3.41
N ILE A 136 5.77 -1.18 4.15
CA ILE A 136 4.65 -1.38 5.04
C ILE A 136 4.86 -0.45 6.22
N LYS A 137 3.93 0.49 6.41
CA LYS A 137 3.93 1.47 7.50
C LYS A 137 2.56 2.14 7.53
N PRO A 138 2.13 2.76 8.65
CA PRO A 138 0.76 3.26 8.77
C PRO A 138 0.34 4.28 7.69
N GLU A 139 1.28 5.08 7.22
CA GLU A 139 0.97 6.16 6.27
C GLU A 139 0.59 5.57 4.91
N ASN A 140 0.94 4.31 4.67
CA ASN A 140 0.61 3.59 3.43
C ASN A 140 -0.72 2.84 3.47
N LEU A 141 -1.50 2.97 4.56
CA LEU A 141 -2.65 2.13 4.78
C LEU A 141 -3.94 2.96 4.75
N LEU A 142 -4.85 2.54 3.88
CA LEU A 142 -6.17 3.10 3.75
C LEU A 142 -7.21 2.10 4.28
N LEU A 143 -8.44 2.59 4.49
CA LEU A 143 -9.50 1.83 5.09
C LEU A 143 -10.70 1.79 4.15
N GLY A 144 -11.13 0.58 3.84
CA GLY A 144 -12.29 0.33 3.01
C GLY A 144 -13.60 0.62 3.71
N PHE A 145 -14.69 0.27 3.03
CA PHE A 145 -16.01 0.72 3.40
C PHE A 145 -16.38 0.24 4.81
N ARG A 146 -15.98 -1.00 5.14
CA ARG A 146 -16.22 -1.61 6.45
CA ARG A 146 -16.23 -1.57 6.48
C ARG A 146 -14.91 -1.71 7.26
N GLY A 147 -13.95 -0.85 6.93
CA GLY A 147 -12.69 -0.73 7.67
C GLY A 147 -11.59 -1.70 7.23
N GLU A 148 -11.83 -2.52 6.19
CA GLU A 148 -10.82 -3.46 5.71
C GLU A 148 -9.62 -2.67 5.19
N VAL A 149 -8.40 -3.10 5.56
CA VAL A 149 -7.22 -2.34 5.26
C VAL A 149 -6.91 -2.51 3.76
N LYS A 150 -6.29 -1.47 3.20
CA LYS A 150 -5.82 -1.42 1.81
C LYS A 150 -4.41 -0.86 1.79
N ILE A 151 -3.45 -1.65 1.29
CA ILE A 151 -2.09 -1.19 1.07
C ILE A 151 -2.14 -0.24 -0.14
N ALA A 152 -1.66 1.01 0.01
CA ALA A 152 -2.02 2.10 -0.93
C ALA A 152 -1.12 2.19 -2.17
N ASP A 153 0.18 1.93 -2.01
CA ASP A 153 1.25 2.49 -2.86
C ASP A 153 2.40 1.49 -2.96
N PHE A 154 2.73 1.07 -4.19
CA PHE A 154 3.78 0.10 -4.50
C PHE A 154 5.07 0.77 -5.03
N GLY A 155 5.21 2.08 -4.83
CA GLY A 155 6.31 2.86 -5.42
C GLY A 155 7.68 2.43 -4.96
N TRP A 156 7.78 1.94 -3.72
CA TRP A 156 9.01 1.41 -3.13
C TRP A 156 9.10 -0.12 -3.33
N SER A 157 8.09 -0.72 -3.94
CA SER A 157 8.02 -2.16 -4.06
C SER A 157 8.77 -2.60 -5.32
N VAL A 158 9.00 -3.90 -5.44
CA VAL A 158 9.58 -4.43 -6.67
C VAL A 158 9.20 -5.90 -6.86
N HIS A 159 8.95 -6.22 -8.14
CA HIS A 159 8.84 -7.54 -8.61
C HIS A 159 10.25 -8.12 -8.81
N THR A 160 10.52 -9.27 -8.21
CA THR A 160 11.87 -9.83 -8.17
C THR A 160 11.74 -11.35 -8.22
N PRO A 161 11.79 -11.96 -9.43
CA PRO A 161 11.67 -13.41 -9.54
C PRO A 161 12.59 -14.17 -8.58
N SER A 162 13.78 -13.64 -8.32
CA SER A 162 14.74 -14.33 -7.46
C SER A 162 14.50 -14.03 -5.97
N LEU A 163 13.62 -13.05 -5.66
CA LEU A 163 13.37 -12.59 -4.27
C LEU A 163 14.70 -12.23 -3.59
N ARG A 164 15.52 -11.43 -4.27
CA ARG A 164 16.80 -10.93 -3.75
C ARG A 164 17.08 -9.57 -4.38
N ARG A 165 17.17 -8.53 -3.55
CA ARG A 165 17.40 -7.18 -3.98
C ARG A 165 18.34 -6.51 -2.98
N LYS A 166 18.73 -5.27 -3.29
CA LYS A 166 19.68 -4.53 -2.47
C LYS A 166 19.30 -3.06 -2.31
N MET A 168 18.15 0.33 -0.98
CA MET A 168 17.68 0.82 0.31
C MET A 168 16.33 1.51 0.08
N CYS A 169 15.32 1.09 0.86
CA CYS A 169 13.91 1.42 0.67
C CYS A 169 13.19 1.70 1.97
N GLY A 170 12.13 2.50 1.86
CA GLY A 170 11.20 2.72 2.95
C GLY A 170 11.69 3.84 3.82
N THR A 171 11.07 3.98 4.99
CA THR A 171 11.31 5.07 5.89
C THR A 171 12.19 4.57 7.03
N LEU A 172 12.97 5.50 7.59
CA LEU A 172 13.96 5.30 8.65
C LEU A 172 13.49 4.29 9.72
N ASP A 173 12.33 4.56 10.34
CA ASP A 173 11.89 3.80 11.53
C ASP A 173 11.57 2.34 11.18
N TYR A 174 11.38 2.04 9.90
CA TYR A 174 10.95 0.71 9.42
C TYR A 174 12.09 -0.07 8.75
N LEU A 175 13.29 0.52 8.65
CA LEU A 175 14.41 -0.15 7.98
C LEU A 175 14.79 -1.43 8.72
N PRO A 176 14.89 -2.59 8.02
CA PRO A 176 15.42 -3.80 8.63
C PRO A 176 16.94 -3.70 8.76
N PRO A 177 17.56 -4.48 9.65
CA PRO A 177 19.01 -4.42 9.80
C PRO A 177 19.79 -4.61 8.49
N GLU A 178 19.37 -5.56 7.66
CA GLU A 178 20.15 -5.93 6.47
C GLU A 178 20.18 -4.77 5.46
N MET A 179 19.16 -3.88 5.48
CA MET A 179 19.17 -2.70 4.64
C MET A 179 20.14 -1.64 5.17
N ILE A 180 20.21 -1.49 6.50
CA ILE A 180 21.14 -0.50 7.10
C ILE A 180 22.58 -0.93 6.78
N GLU A 181 22.82 -2.24 6.77
CA GLU A 181 24.16 -2.79 6.53
C GLU A 181 24.48 -2.79 5.03
N GLY A 182 23.47 -2.54 4.20
CA GLY A 182 23.67 -2.44 2.78
C GLY A 182 23.80 -3.78 2.12
N ARG A 183 23.31 -4.84 2.77
CA ARG A 183 23.46 -6.19 2.28
C ARG A 183 22.28 -6.56 1.37
N THR A 184 22.46 -7.64 0.61
CA THR A 184 21.39 -8.25 -0.19
C THR A 184 20.36 -8.81 0.80
N TYR A 185 19.08 -8.65 0.45
CA TYR A 185 17.99 -9.09 1.30
C TYR A 185 16.93 -9.78 0.44
N ASP A 186 16.00 -10.45 1.13
CA ASP A 186 14.91 -11.16 0.50
C ASP A 186 13.58 -10.59 1.00
N GLU A 187 12.50 -11.35 0.77
CA GLU A 187 11.13 -10.96 1.06
C GLU A 187 10.90 -10.81 2.57
N LYS A 188 11.82 -11.31 3.40
CA LYS A 188 11.63 -11.34 4.84
C LYS A 188 11.86 -9.96 5.44
N VAL A 189 12.27 -8.98 4.61
CA VAL A 189 12.21 -7.57 5.03
C VAL A 189 10.76 -7.18 5.36
N ASP A 190 9.78 -7.77 4.66
CA ASP A 190 8.37 -7.44 4.88
C ASP A 190 7.91 -7.96 6.26
N LEU A 191 8.46 -9.11 6.69
CA LEU A 191 8.13 -9.72 7.99
C LEU A 191 8.57 -8.76 9.11
N TRP A 192 9.80 -8.22 8.98
CA TRP A 192 10.33 -7.22 9.91
C TRP A 192 9.34 -6.07 10.02
N CYS A 193 8.93 -5.52 8.87
CA CYS A 193 8.08 -4.31 8.85
C CYS A 193 6.70 -4.56 9.47
N ILE A 194 6.14 -5.77 9.27
CA ILE A 194 4.89 -6.12 9.96
C ILE A 194 5.07 -6.02 11.48
N GLY A 195 6.21 -6.49 11.98
CA GLY A 195 6.55 -6.40 13.42
C GLY A 195 6.57 -4.95 13.90
N VAL A 196 7.28 -4.11 13.14
CA VAL A 196 7.39 -2.73 13.48
C VAL A 196 5.97 -2.12 13.44
N LEU A 197 5.19 -2.46 12.42
CA LEU A 197 3.86 -1.85 12.28
C LEU A 197 2.96 -2.23 13.47
N CYS A 198 2.98 -3.52 13.81
CA CYS A 198 2.18 -4.02 14.94
C CYS A 198 2.50 -3.21 16.21
N TYR A 199 3.79 -3.01 16.48
CA TYR A 199 4.21 -2.23 17.62
C TYR A 199 3.63 -0.80 17.54
N GLU A 200 3.86 -0.12 16.42
CA GLU A 200 3.44 1.28 16.29
C GLU A 200 1.91 1.42 16.44
N LEU A 201 1.14 0.51 15.84
CA LEU A 201 -0.31 0.58 15.94
C LEU A 201 -0.78 0.47 17.40
N LEU A 202 -0.17 -0.43 18.19
CA LEU A 202 -0.59 -0.68 19.57
C LEU A 202 -0.04 0.40 20.51
N VAL A 203 1.14 0.94 20.22
CA VAL A 203 1.89 1.80 21.15
C VAL A 203 1.74 3.28 20.76
N GLY A 204 1.64 3.55 19.45
CA GLY A 204 1.45 4.90 18.95
C GLY A 204 2.75 5.53 18.49
N TYR A 205 3.87 4.83 18.67
CA TYR A 205 5.15 5.24 18.11
C TYR A 205 5.92 3.98 17.72
N PRO A 206 6.86 4.05 16.77
CA PRO A 206 7.61 2.86 16.39
C PRO A 206 8.71 2.53 17.40
N PRO A 207 9.09 1.24 17.44
CA PRO A 207 9.93 0.71 18.52
C PRO A 207 11.37 1.22 18.60
N PHE A 208 11.91 1.77 17.50
CA PHE A 208 13.32 2.23 17.50
C PHE A 208 13.40 3.76 17.36
N GLU A 209 12.30 4.46 17.65
CA GLU A 209 12.19 5.92 17.50
C GLU A 209 13.27 6.58 18.37
N SER A 210 13.95 7.57 17.82
CA SER A 210 15.00 8.33 18.50
C SER A 210 15.08 9.71 17.85
N ALA A 211 15.55 10.69 18.63
CA ALA A 211 15.70 12.06 18.16
C ALA A 211 16.65 12.13 16.95
N SER A 212 17.59 11.16 16.88
CA SER A 212 18.64 11.16 15.89
C SER A 212 18.58 9.93 14.98
N HIS A 213 19.05 10.15 13.75
CA HIS A 213 19.19 9.17 12.70
C HIS A 213 20.11 8.02 13.14
N SER A 214 21.33 8.35 13.62
CA SER A 214 22.33 7.32 13.97
C SER A 214 21.84 6.44 15.13
N GLU A 215 21.18 7.05 16.11
CA GLU A 215 20.66 6.32 17.26
C GLU A 215 19.57 5.34 16.81
N THR A 216 18.75 5.76 15.84
CA THR A 216 17.70 4.88 15.30
C THR A 216 18.34 3.67 14.65
N TYR A 217 19.36 3.93 13.80
CA TYR A 217 20.16 2.88 13.18
C TYR A 217 20.68 1.94 14.27
N ARG A 218 21.30 2.50 15.31
CA ARG A 218 21.86 1.72 16.43
C ARG A 218 20.77 0.87 17.10
N ARG A 219 19.58 1.44 17.37
CA ARG A 219 18.52 0.68 18.06
C ARG A 219 17.99 -0.43 17.14
N ILE A 220 17.86 -0.13 15.85
CA ILE A 220 17.41 -1.15 14.84
C ILE A 220 18.39 -2.32 14.82
N LEU A 221 19.67 -2.03 14.64
CA LEU A 221 20.69 -3.05 14.46
C LEU A 221 20.80 -3.96 15.69
N LYS A 222 20.64 -3.39 16.88
CA LYS A 222 20.69 -4.08 18.16
C LYS A 222 19.35 -4.77 18.45
N VAL A 223 18.32 -4.49 17.64
CA VAL A 223 16.95 -4.93 17.88
C VAL A 223 16.57 -4.57 19.33
N ASP A 224 16.71 -3.29 19.65
CA ASP A 224 16.47 -2.75 20.99
C ASP A 224 14.97 -2.47 21.19
N VAL A 225 14.16 -3.52 21.20
CA VAL A 225 12.72 -3.34 21.38
CA VAL A 225 12.70 -3.42 21.38
C VAL A 225 12.42 -3.51 22.88
N ARG A 226 11.74 -2.52 23.42
CA ARG A 226 11.27 -2.52 24.79
C ARG A 226 9.77 -2.22 24.74
N PHE A 227 8.99 -3.15 25.27
CA PHE A 227 7.55 -3.04 25.20
C PHE A 227 7.02 -2.23 26.38
N PRO A 228 6.22 -1.17 26.14
CA PRO A 228 5.55 -0.47 27.24
C PRO A 228 4.66 -1.38 28.10
N LEU A 229 4.45 -0.90 29.33
CA LEU A 229 3.65 -1.62 30.31
C LEU A 229 2.24 -1.87 29.77
N SER A 230 1.76 -1.04 28.83
CA SER A 230 0.37 -1.17 28.27
C SER A 230 0.16 -2.41 27.39
N MET A 231 1.21 -3.05 26.86
CA MET A 231 1.03 -4.02 25.76
CA MET A 231 1.04 -4.02 25.77
C MET A 231 0.70 -5.42 26.29
N PRO A 232 -0.38 -6.05 25.80
CA PRO A 232 -0.66 -7.45 26.12
C PRO A 232 0.39 -8.45 25.61
N LEU A 233 0.55 -9.52 26.36
CA LEU A 233 1.57 -10.54 26.15
C LEU A 233 1.53 -11.09 24.72
N GLY A 234 0.33 -11.40 24.22
CA GLY A 234 0.17 -12.00 22.90
C GLY A 234 0.81 -11.16 21.82
N ALA A 235 0.64 -9.85 21.91
CA ALA A 235 1.18 -8.89 20.94
C ALA A 235 2.71 -8.79 21.13
N ARG A 236 3.17 -8.77 22.39
CA ARG A 236 4.62 -8.71 22.67
C ARG A 236 5.29 -9.95 22.07
N ASP A 237 4.62 -11.10 22.18
CA ASP A 237 5.13 -12.36 21.65
C ASP A 237 5.23 -12.30 20.11
N LEU A 238 4.13 -11.90 19.47
CA LEU A 238 4.09 -11.83 18.02
C LEU A 238 5.21 -10.91 17.50
N ILE A 239 5.30 -9.70 18.06
CA ILE A 239 6.25 -8.70 17.62
C ILE A 239 7.67 -9.24 17.82
N SER A 240 7.91 -9.92 18.96
CA SER A 240 9.24 -10.45 19.30
CA SER A 240 9.24 -10.45 19.30
C SER A 240 9.66 -11.54 18.30
N ARG A 241 8.67 -12.26 17.75
CA ARG A 241 8.95 -13.32 16.76
C ARG A 241 9.21 -12.76 15.37
N LEU A 242 8.81 -11.51 15.11
CA LEU A 242 8.99 -10.87 13.81
C LEU A 242 10.28 -10.04 13.80
N LEU A 243 10.54 -9.31 14.90
CA LEU A 243 11.70 -8.44 14.99
C LEU A 243 12.90 -9.27 15.44
N ARG A 244 13.43 -10.04 14.49
CA ARG A 244 14.66 -10.81 14.69
CA ARG A 244 14.65 -10.82 14.67
C ARG A 244 15.73 -10.25 13.75
N TYR A 245 16.97 -10.15 14.26
CA TYR A 245 18.08 -9.67 13.47
C TYR A 245 18.24 -10.57 12.24
N GLN A 246 18.23 -11.89 12.47
CA GLN A 246 18.35 -12.87 11.40
C GLN A 246 17.03 -12.98 10.64
N PRO A 247 17.03 -12.68 9.32
CA PRO A 247 15.81 -12.80 8.51
C PRO A 247 15.18 -14.19 8.57
N LEU A 248 16.01 -15.25 8.56
CA LEU A 248 15.49 -16.63 8.49
C LEU A 248 14.78 -17.00 9.80
N GLU A 249 14.99 -16.23 10.87
CA GLU A 249 14.34 -16.53 12.15
C GLU A 249 12.96 -15.88 12.26
N ARG A 250 12.63 -14.94 11.36
CA ARG A 250 11.42 -14.17 11.48
C ARG A 250 10.21 -15.09 11.24
N LEU A 251 9.15 -14.86 12.03
CA LEU A 251 7.93 -15.66 11.96
C LEU A 251 7.33 -15.56 10.56
N PRO A 252 7.18 -16.68 9.82
CA PRO A 252 6.59 -16.62 8.49
C PRO A 252 5.12 -16.15 8.51
N LEU A 253 4.73 -15.52 7.39
CA LEU A 253 3.36 -15.05 7.17
C LEU A 253 2.33 -16.11 7.56
N ALA A 254 2.55 -17.37 7.17
CA ALA A 254 1.56 -18.41 7.42
C ALA A 254 1.32 -18.55 8.94
N GLN A 255 2.38 -18.31 9.71
CA GLN A 255 2.37 -18.50 11.12
C GLN A 255 1.88 -17.22 11.80
N ILE A 256 2.06 -16.06 11.18
CA ILE A 256 1.42 -14.85 11.68
C ILE A 256 -0.10 -15.07 11.67
N LEU A 257 -0.61 -15.62 10.57
CA LEU A 257 -2.05 -15.83 10.40
C LEU A 257 -2.56 -16.77 11.49
N LYS A 258 -1.75 -17.75 11.90
CA LYS A 258 -2.11 -18.77 12.89
C LYS A 258 -1.82 -18.33 14.34
N HIS A 259 -1.18 -17.17 14.53
CA HIS A 259 -0.71 -16.75 15.85
C HIS A 259 -1.88 -16.56 16.78
N PRO A 260 -1.86 -17.16 18.00
CA PRO A 260 -3.02 -17.12 18.89
C PRO A 260 -3.60 -15.72 19.15
N TRP A 261 -2.73 -14.71 19.28
CA TRP A 261 -3.17 -13.35 19.49
C TRP A 261 -3.91 -12.81 18.26
N VAL A 262 -3.41 -13.13 17.06
CA VAL A 262 -4.09 -12.71 15.81
C VAL A 262 -5.46 -13.41 15.75
N GLN A 263 -5.47 -14.71 16.03
CA GLN A 263 -6.68 -15.53 15.93
C GLN A 263 -7.72 -15.04 16.94
N ALA A 264 -7.27 -14.68 18.14
CA ALA A 264 -8.13 -14.27 19.26
C ALA A 264 -8.82 -12.94 18.93
N HIS A 265 -8.09 -12.00 18.35
CA HIS A 265 -8.51 -10.62 18.35
C HIS A 265 -8.98 -10.15 16.96
N SER A 266 -8.57 -10.82 15.88
CA SER A 266 -8.92 -10.33 14.54
C SER A 266 -10.44 -10.45 14.33
N ARG A 267 -11.03 -9.42 13.72
CA ARG A 267 -12.46 -9.37 13.35
C ARG A 267 -12.56 -8.93 11.88
N ARG A 268 -11.83 -9.63 11.03
CA ARG A 268 -11.69 -9.26 9.66
C ARG A 268 -13.00 -9.48 8.89
N VAL A 269 -13.34 -8.51 8.03
CA VAL A 269 -14.44 -8.68 7.10
C VAL A 269 -13.89 -8.61 5.67
N LEU A 270 -14.50 -9.38 4.77
CA LEU A 270 -14.15 -9.36 3.33
C LEU A 270 -15.31 -8.79 2.52
N PRO A 271 -15.01 -8.00 1.46
CA PRO A 271 -16.04 -7.55 0.52
C PRO A 271 -16.54 -8.74 -0.29
N PRO A 272 -17.67 -8.60 -1.00
CA PRO A 272 -18.22 -9.66 -1.86
C PRO A 272 -17.27 -10.35 -2.86
N PRO B 5 -8.37 20.23 -10.86
CA PRO B 5 -9.62 19.55 -10.49
C PRO B 5 -10.36 20.18 -9.30
N ARG B 6 -10.31 21.52 -9.17
CA ARG B 6 -10.92 22.27 -8.04
C ARG B 6 -12.31 22.82 -8.40
N LYS B 7 -13.35 22.06 -8.03
CA LYS B 7 -14.74 22.40 -8.35
C LYS B 7 -15.56 22.49 -7.07
N PRO B 8 -16.73 23.16 -7.09
CA PRO B 8 -17.65 23.13 -5.94
C PRO B 8 -18.05 21.67 -5.71
N ILE B 9 -18.19 21.23 -4.45
CA ILE B 9 -18.47 19.82 -4.19
C ILE B 9 -19.92 19.53 -4.59
N PRO B 10 -20.17 18.65 -5.59
CA PRO B 10 -21.55 18.30 -5.97
C PRO B 10 -22.23 17.35 -4.98
N THR B 11 -23.56 17.27 -5.07
CA THR B 11 -24.36 16.56 -4.07
C THR B 11 -24.02 15.06 -4.05
N TRP B 12 -23.64 14.48 -5.20
CA TRP B 12 -23.35 13.06 -5.25
C TRP B 12 -22.13 12.70 -4.38
N ALA B 13 -21.25 13.69 -4.15
CA ALA B 13 -19.94 13.48 -3.57
C ALA B 13 -19.91 13.66 -2.04
N ARG B 14 -21.07 13.64 -1.36
CA ARG B 14 -21.08 13.81 0.10
C ARG B 14 -22.37 13.25 0.70
N GLY B 15 -22.33 13.02 2.02
CA GLY B 15 -23.52 12.70 2.79
C GLY B 15 -24.16 11.41 2.32
N THR B 16 -25.49 11.32 2.47
CA THR B 16 -26.20 10.08 2.20
C THR B 16 -26.07 9.67 0.74
N PRO B 17 -26.17 10.59 -0.25
CA PRO B 17 -25.99 10.19 -1.65
C PRO B 17 -24.68 9.40 -1.88
N LEU B 18 -23.56 9.87 -1.31
CA LEU B 18 -22.27 9.21 -1.49
C LEU B 18 -22.30 7.85 -0.81
N SER B 19 -22.73 7.82 0.45
CA SER B 19 -22.78 6.57 1.22
C SER B 19 -23.60 5.51 0.47
N GLN B 20 -24.78 5.90 -0.02
CA GLN B 20 -25.66 4.94 -0.66
C GLN B 20 -25.05 4.46 -2.00
N ALA B 21 -24.40 5.34 -2.75
CA ALA B 21 -23.72 4.95 -4.00
C ALA B 21 -22.54 3.99 -3.68
N ILE B 22 -21.82 4.28 -2.59
CA ILE B 22 -20.69 3.43 -2.15
CA ILE B 22 -20.69 3.43 -2.16
C ILE B 22 -21.24 2.05 -1.78
N ILE B 23 -22.35 2.04 -1.03
CA ILE B 23 -22.97 0.77 -0.63
C ILE B 23 -23.34 -0.04 -1.87
N HIS B 24 -23.99 0.62 -2.84
CA HIS B 24 -24.42 -0.08 -4.04
C HIS B 24 -23.22 -0.72 -4.75
N GLN B 25 -22.15 0.07 -4.92
CA GLN B 25 -20.95 -0.32 -5.66
C GLN B 25 -20.22 -1.44 -4.93
N TYR B 26 -20.19 -1.35 -3.60
CA TYR B 26 -19.56 -2.36 -2.73
C TYR B 26 -20.18 -3.75 -2.94
N TYR B 27 -21.51 -3.82 -3.01
CA TYR B 27 -22.26 -5.10 -3.08
C TYR B 27 -22.57 -5.50 -4.53
N HIS B 28 -22.40 -4.57 -5.48
CA HIS B 28 -22.65 -4.83 -6.90
C HIS B 28 -21.40 -4.41 -7.70
N PRO B 29 -20.25 -5.06 -7.47
CA PRO B 29 -19.03 -4.73 -8.21
C PRO B 29 -19.29 -5.01 -9.70
N PRO B 30 -18.85 -4.11 -10.60
CA PRO B 30 -19.03 -4.30 -12.04
C PRO B 30 -17.90 -5.15 -12.60
N ASN B 31 -18.03 -5.55 -13.87
CA ASN B 31 -16.98 -6.16 -14.63
C ASN B 31 -15.91 -5.10 -14.91
N LEU B 32 -14.75 -5.21 -14.25
CA LEU B 32 -13.74 -4.13 -14.30
C LEU B 32 -12.96 -4.13 -15.62
N LEU B 33 -12.82 -5.30 -16.26
CA LEU B 33 -12.18 -5.38 -17.58
C LEU B 33 -13.05 -4.59 -18.58
N GLU B 34 -14.36 -4.85 -18.55
CA GLU B 34 -15.26 -4.19 -19.46
C GLU B 34 -15.25 -2.68 -19.19
N LEU B 35 -15.14 -2.27 -17.92
CA LEU B 35 -15.24 -0.87 -17.58
C LEU B 35 -13.93 -0.13 -17.94
N PHE B 36 -12.78 -0.71 -17.56
CA PHE B 36 -11.51 0.01 -17.66
C PHE B 36 -10.54 -0.57 -18.69
N GLY B 37 -10.75 -1.81 -19.11
CA GLY B 37 -9.88 -2.42 -20.11
C GLY B 37 -8.53 -2.80 -19.56
N THR B 38 -7.64 -3.16 -20.49
CA THR B 38 -6.28 -3.59 -20.24
C THR B 38 -5.46 -2.40 -19.72
N ILE B 39 -4.59 -2.68 -18.76
CA ILE B 39 -3.54 -1.76 -18.36
C ILE B 39 -2.41 -1.82 -19.39
N LEU B 40 -2.28 -0.74 -20.16
CA LEU B 40 -1.29 -0.63 -21.26
C LEU B 40 0.12 -0.55 -20.68
N PRO B 41 1.10 -1.28 -21.27
CA PRO B 41 2.49 -1.18 -20.85
C PRO B 41 2.93 0.30 -20.86
N LEU B 42 3.79 0.63 -19.90
CA LEU B 42 4.24 1.99 -19.72
C LEU B 42 5.33 2.26 -20.76
N ASP B 43 5.23 3.41 -21.45
CA ASP B 43 6.31 3.92 -22.28
C ASP B 43 6.86 5.18 -21.63
N LEU B 44 7.91 5.04 -20.83
CA LEU B 44 8.45 6.16 -20.05
C LEU B 44 8.89 7.29 -20.98
N GLU B 45 9.50 6.94 -22.12
CA GLU B 45 9.92 7.91 -23.14
C GLU B 45 8.74 8.79 -23.55
N ASP B 46 7.63 8.13 -23.90
CA ASP B 46 6.43 8.78 -24.31
C ASP B 46 5.89 9.68 -23.19
N ILE B 47 5.88 9.17 -21.96
CA ILE B 47 5.25 9.86 -20.84
C ILE B 47 6.06 11.10 -20.44
N PHE B 48 7.40 10.98 -20.44
CA PHE B 48 8.25 12.05 -19.92
C PHE B 48 8.93 12.85 -21.03
N LYS B 49 8.82 12.39 -22.28
CA LYS B 49 9.30 13.13 -23.47
C LYS B 49 10.80 13.39 -23.32
N LYS B 50 11.51 12.29 -23.04
CA LYS B 50 12.91 12.26 -22.71
C LYS B 50 13.39 10.83 -22.94
N SER B 51 14.66 10.66 -23.31
CA SER B 51 15.28 9.37 -23.30
C SER B 51 16.32 9.34 -22.17
N LYS B 52 16.13 8.43 -21.23
CA LYS B 52 17.08 8.17 -20.20
C LYS B 52 17.40 6.69 -20.19
N PRO B 53 18.63 6.31 -19.77
CA PRO B 53 19.04 4.91 -19.75
C PRO B 53 18.11 3.98 -18.94
N ARG B 54 17.65 4.45 -17.77
CA ARG B 54 16.80 3.65 -16.86
C ARG B 54 15.48 3.30 -17.55
N TYR B 55 15.05 4.16 -18.50
CA TYR B 55 13.82 3.93 -19.24
C TYR B 55 13.90 2.62 -20.04
N HIS B 56 15.11 2.26 -20.49
CA HIS B 56 15.30 1.11 -21.39
C HIS B 56 15.93 -0.07 -20.67
N LYS B 57 16.82 0.20 -19.71
CA LYS B 57 17.53 -0.83 -18.99
C LYS B 57 16.66 -1.37 -17.84
N ARG B 58 16.34 -2.66 -17.90
CA ARG B 58 15.52 -3.33 -16.89
C ARG B 58 16.35 -4.40 -16.18
N THR B 59 15.99 -4.69 -14.92
CA THR B 59 16.50 -5.86 -14.21
C THR B 59 15.51 -7.00 -14.41
N ALA B 62 11.48 -6.87 -14.79
CA ALA B 62 10.67 -6.79 -15.99
C ALA B 62 10.11 -8.16 -16.41
N VAL B 63 10.64 -9.24 -15.83
CA VAL B 63 10.35 -10.60 -16.29
C VAL B 63 9.24 -11.22 -15.43
N TRP B 64 8.00 -11.11 -15.91
CA TRP B 64 6.84 -11.67 -15.21
C TRP B 64 6.52 -13.08 -15.72
N ASN B 65 6.37 -14.01 -14.79
CA ASN B 65 6.03 -15.40 -15.10
C ASN B 65 4.55 -15.71 -14.79
N SER B 66 3.84 -14.79 -14.12
CA SER B 66 2.41 -14.90 -13.83
C SER B 66 1.62 -14.02 -14.78
N PRO B 67 0.32 -14.30 -15.02
CA PRO B 67 -0.45 -13.57 -16.03
C PRO B 67 -0.91 -12.18 -15.60
N PRO B 68 -1.07 -11.26 -16.57
CA PRO B 68 -1.77 -10.00 -16.32
C PRO B 68 -3.22 -10.34 -15.93
N LEU B 69 -3.81 -9.59 -14.99
CA LEU B 69 -5.06 -10.05 -14.40
C LEU B 69 -6.28 -9.46 -15.13
N GLN B 70 -6.13 -8.27 -15.73
CA GLN B 70 -7.24 -7.49 -16.34
C GLN B 70 -6.86 -7.17 -17.80
#